data_3N27
#
_entry.id   3N27
#
_cell.length_a   32.392
_cell.length_b   54.055
_cell.length_c   134.126
_cell.angle_alpha   90.00
_cell.angle_beta   90.00
_cell.angle_gamma   90.00
#
_symmetry.space_group_name_H-M   'P 21 21 21'
#
loop_
_entity.id
_entity.type
_entity.pdbx_description
1 polymer 'Fusion glycoprotein F0, linker, Fusion glycoprotein F0'
2 non-polymer 'CITRIC ACID'
3 non-polymer 'TERTIARY-BUTYL ALCOHOL'
4 water water
#
_entity_poly.entity_id   1
_entity_poly.type   'polypeptide(L)'
_entity_poly.pdbx_seq_one_letter_code
;AMKNADNINKLKSSIESTNEAVVKLQETAEKTVYVLTALQDYSGGSGGIDISIELNKAKSDLEESKEWIRRSNQKLDSIG
;
_entity_poly.pdbx_strand_id   A,B,C
#
# COMPACT_ATOMS: atom_id res chain seq x y z
N LYS A 3 -26.07 8.48 -15.12
CA LYS A 3 -25.47 8.60 -13.73
C LYS A 3 -24.53 7.45 -13.34
N ASN A 4 -25.01 6.21 -13.44
CA ASN A 4 -24.17 5.04 -13.18
C ASN A 4 -22.88 5.02 -14.00
N ALA A 5 -23.00 5.32 -15.29
CA ALA A 5 -21.84 5.28 -16.19
C ALA A 5 -20.76 6.27 -15.78
N ASP A 6 -21.18 7.50 -15.46
CA ASP A 6 -20.29 8.54 -14.94
C ASP A 6 -19.59 8.05 -13.66
N ASN A 7 -20.38 7.47 -12.76
CA ASN A 7 -19.84 7.00 -11.49
C ASN A 7 -18.85 5.85 -11.67
N ILE A 8 -19.12 4.97 -12.63
CA ILE A 8 -18.21 3.88 -12.98
C ILE A 8 -16.88 4.46 -13.46
N ASN A 9 -16.93 5.51 -14.29
CA ASN A 9 -15.72 6.19 -14.75
C ASN A 9 -14.95 6.82 -13.58
N LYS A 10 -15.66 7.44 -12.64
CA LYS A 10 -15.03 8.02 -11.43
C LYS A 10 -14.37 6.96 -10.56
N LEU A 11 -15.04 5.82 -10.41
CA LEU A 11 -14.49 4.68 -9.66
C LEU A 11 -13.21 4.18 -10.31
N LYS A 12 -13.24 4.07 -11.63
CA LYS A 12 -12.06 3.65 -12.39
C LYS A 12 -10.87 4.58 -12.11
N SER A 13 -11.09 5.89 -12.20
CA SER A 13 -10.02 6.87 -11.96
C SER A 13 -9.49 6.77 -10.52
N SER A 14 -10.40 6.57 -9.56
CA SER A 14 -10.05 6.46 -8.14
C SER A 14 -9.08 5.30 -7.94
N ILE A 15 -9.42 4.16 -8.49
CA ILE A 15 -8.57 2.96 -8.34
C ILE A 15 -7.22 3.17 -9.02
N GLU A 16 -7.24 3.81 -10.19
CA GLU A 16 -5.98 4.15 -10.85
C GLU A 16 -5.08 4.97 -9.92
N SER A 17 -5.66 5.93 -9.22
CA SER A 17 -4.87 6.75 -8.30
C SER A 17 -4.40 5.99 -7.09
N THR A 18 -5.29 5.15 -6.57
CA THR A 18 -4.96 4.28 -5.45
C THR A 18 -3.79 3.35 -5.84
N ASN A 19 -3.86 2.78 -7.04
CA ASN A 19 -2.79 1.93 -7.59
C ASN A 19 -1.46 2.68 -7.69
N GLU A 20 -1.50 3.95 -8.06
CA GLU A 20 -0.28 4.78 -8.08
C GLU A 20 0.31 4.94 -6.67
N ALA A 21 -0.58 5.13 -5.68
CA ALA A 21 -0.13 5.27 -4.28
C ALA A 21 0.53 3.97 -3.83
N VAL A 22 -0.05 2.85 -4.23
CA VAL A 22 0.51 1.51 -3.87
C VAL A 22 1.88 1.33 -4.55
N VAL A 23 1.99 1.69 -5.84
CA VAL A 23 3.28 1.63 -6.54
C VAL A 23 4.35 2.47 -5.80
N LYS A 24 4.01 3.70 -5.41
CA LYS A 24 4.98 4.54 -4.71
C LYS A 24 5.34 3.97 -3.34
N LEU A 25 4.39 3.29 -2.72
CA LEU A 25 4.67 2.65 -1.45
C LEU A 25 5.55 1.41 -1.62
N GLN A 26 5.36 0.70 -2.75
CA GLN A 26 6.26 -0.41 -3.12
C GLN A 26 7.69 0.07 -3.30
N GLU A 27 7.84 1.25 -3.90
CA GLU A 27 9.17 1.84 -4.10
C GLU A 27 9.82 2.25 -2.77
N THR A 28 9.01 2.75 -1.84
CA THR A 28 9.45 3.04 -0.48
C THR A 28 9.91 1.78 0.22
N ALA A 29 9.14 0.70 0.05
CA ALA A 29 9.47 -0.59 0.67
C ALA A 29 10.77 -1.17 0.12
N GLU A 30 11.01 -1.02 -1.19
CA GLU A 30 12.27 -1.48 -1.82
C GLU A 30 13.49 -0.84 -1.14
N LYS A 31 13.36 0.45 -0.87
CA LYS A 31 14.45 1.23 -0.30
C LYS A 31 14.67 0.92 1.17
N THR A 32 13.57 0.72 1.90
CA THR A 32 13.67 0.36 3.32
C THR A 32 14.33 -1.02 3.47
N VAL A 33 13.93 -1.96 2.62
CA VAL A 33 14.58 -3.28 2.59
C VAL A 33 16.07 -3.22 2.23
N TYR A 34 16.40 -2.42 1.21
CA TYR A 34 17.80 -2.18 0.85
C TYR A 34 18.61 -1.70 2.06
N VAL A 35 18.08 -0.68 2.74
CA VAL A 35 18.74 -0.08 3.89
C VAL A 35 18.97 -1.09 5.02
N LEU A 36 17.94 -1.86 5.34
CA LEU A 36 18.03 -2.89 6.38
C LEU A 36 19.05 -3.96 6.03
N THR A 37 19.12 -4.32 4.76
CA THR A 37 20.09 -5.29 4.25
C THR A 37 21.50 -4.75 4.41
N ALA A 38 21.68 -3.47 4.07
CA ALA A 38 22.96 -2.81 4.14
C ALA A 38 23.48 -2.66 5.57
N LEU A 39 22.55 -2.58 6.52
CA LEU A 39 22.91 -2.42 7.94
C LEU A 39 23.21 -3.73 8.67
N GLN A 40 23.07 -4.85 7.97
CA GLN A 40 23.28 -6.19 8.54
C GLN A 40 24.72 -6.41 9.00
N ASP A 41 24.87 -7.37 9.92
CA ASP A 41 26.17 -7.76 10.41
C ASP A 41 26.76 -8.86 9.52
N TYR A 42 27.88 -8.53 8.84
CA TYR A 42 28.53 -9.48 7.93
C TYR A 42 29.87 -9.92 8.49
N GLY A 48 22.61 -13.43 12.67
CA GLY A 48 22.11 -12.66 11.54
C GLY A 48 21.48 -13.50 10.44
N ILE A 49 21.74 -14.80 10.48
CA ILE A 49 21.19 -15.77 9.53
C ILE A 49 19.67 -15.64 9.41
N ASP A 50 19.01 -15.49 10.56
CA ASP A 50 17.55 -15.36 10.61
C ASP A 50 17.02 -14.06 9.97
N ILE A 51 17.70 -12.94 10.22
CA ILE A 51 17.34 -11.64 9.63
C ILE A 51 17.48 -11.69 8.10
N SER A 52 18.54 -12.36 7.64
CA SER A 52 18.75 -12.62 6.22
C SER A 52 17.55 -13.33 5.59
N ILE A 53 17.08 -14.40 6.26
CA ILE A 53 15.93 -15.17 5.80
C ILE A 53 14.69 -14.28 5.68
N GLU A 54 14.44 -13.50 6.72
CA GLU A 54 13.25 -12.66 6.81
C GLU A 54 13.26 -11.54 5.76
N LEU A 55 14.44 -10.98 5.54
CA LEU A 55 14.60 -9.95 4.51
C LEU A 55 14.35 -10.50 3.11
N ASN A 56 14.85 -11.71 2.85
CA ASN A 56 14.53 -12.36 1.58
C ASN A 56 13.05 -12.64 1.37
N LYS A 57 12.35 -13.05 2.43
CA LYS A 57 10.90 -13.23 2.35
C LYS A 57 10.19 -11.92 2.03
N ALA A 58 10.63 -10.83 2.67
CA ALA A 58 10.08 -9.48 2.40
C ALA A 58 10.25 -9.10 0.93
N LYS A 59 11.43 -9.40 0.38
CA LYS A 59 11.68 -9.16 -1.03
C LYS A 59 10.69 -9.93 -1.90
N SER A 60 10.44 -11.19 -1.58
CA SER A 60 9.51 -11.97 -2.41
C SER A 60 8.11 -11.42 -2.31
N ASP A 61 7.69 -11.02 -1.09
CA ASP A 61 6.35 -10.44 -0.87
C ASP A 61 6.21 -9.16 -1.71
N LEU A 62 7.29 -8.38 -1.76
CA LEU A 62 7.26 -7.11 -2.48
C LEU A 62 7.10 -7.34 -3.98
N GLU A 63 7.81 -8.36 -4.50
CA GLU A 63 7.70 -8.72 -5.90
C GLU A 63 6.29 -9.18 -6.25
N GLU A 64 5.68 -9.96 -5.38
CA GLU A 64 4.28 -10.38 -5.55
C GLU A 64 3.33 -9.20 -5.51
N SER A 65 3.63 -8.23 -4.64
CA SER A 65 2.80 -7.02 -4.54
C SER A 65 2.81 -6.31 -5.89
N LYS A 66 3.97 -6.29 -6.55
CA LYS A 66 4.11 -5.65 -7.85
C LYS A 66 3.27 -6.37 -8.90
N GLU A 67 3.29 -7.70 -8.88
CA GLU A 67 2.51 -8.50 -9.85
C GLU A 67 1.00 -8.25 -9.69
N TRP A 68 0.55 -8.13 -8.45
CA TRP A 68 -0.87 -7.90 -8.19
C TRP A 68 -1.32 -6.52 -8.66
N ILE A 69 -0.46 -5.51 -8.50
CA ILE A 69 -0.83 -4.16 -8.92
C ILE A 69 -0.89 -4.08 -10.45
N ARG A 70 0.01 -4.81 -11.13
CA ARG A 70 -0.02 -4.92 -12.59
C ARG A 70 -1.32 -5.57 -13.02
N ARG A 71 -1.74 -6.61 -12.29
CA ARG A 71 -3.00 -7.30 -12.60
C ARG A 71 -4.16 -6.34 -12.49
N SER A 72 -4.16 -5.51 -11.46
CA SER A 72 -5.26 -4.57 -11.22
C SER A 72 -5.30 -3.54 -12.34
N ASN A 73 -4.14 -2.99 -12.68
CA ASN A 73 -4.02 -1.99 -13.73
C ASN A 73 -4.49 -2.55 -15.07
N GLN A 74 -4.12 -3.80 -15.35
CA GLN A 74 -4.56 -4.42 -16.60
C GLN A 74 -6.07 -4.63 -16.62
N LYS A 75 -6.64 -5.01 -15.48
CA LYS A 75 -8.09 -5.15 -15.38
C LYS A 75 -8.78 -3.79 -15.66
N LEU A 76 -8.27 -2.73 -15.06
CA LEU A 76 -8.84 -1.39 -15.25
C LEU A 76 -8.78 -0.93 -16.71
N ASP A 77 -7.69 -1.31 -17.38
CA ASP A 77 -7.49 -0.97 -18.77
C ASP A 77 -8.58 -1.60 -19.63
N SER A 78 -9.11 -2.75 -19.22
CA SER A 78 -10.15 -3.46 -20.00
C SER A 78 -11.54 -2.83 -19.92
N ILE A 79 -11.69 -1.85 -19.03
CA ILE A 79 -12.95 -1.13 -18.88
C ILE A 79 -13.04 -0.07 -19.97
N GLY A 80 -13.99 -0.25 -20.88
CA GLY A 80 -14.32 0.73 -21.91
C GLY A 80 -15.81 0.78 -22.17
N MET B 2 -32.27 -1.71 -6.94
CA MET B 2 -31.45 -0.97 -7.95
C MET B 2 -30.04 -1.54 -8.03
N LYS B 3 -29.90 -2.66 -8.73
CA LYS B 3 -28.65 -3.44 -8.75
C LYS B 3 -27.37 -2.64 -9.00
N ASN B 4 -27.26 -1.98 -10.16
CA ASN B 4 -25.99 -1.33 -10.51
C ASN B 4 -25.67 -0.18 -9.56
N ALA B 5 -26.67 0.64 -9.29
CA ALA B 5 -26.50 1.77 -8.36
C ALA B 5 -26.00 1.27 -6.99
N ASP B 6 -26.61 0.20 -6.49
CA ASP B 6 -26.26 -0.35 -5.18
C ASP B 6 -24.82 -0.89 -5.19
N ASN B 7 -24.45 -1.54 -6.28
CA ASN B 7 -23.10 -2.08 -6.38
C ASN B 7 -22.05 -1.00 -6.51
N ILE B 8 -22.39 0.11 -7.18
CA ILE B 8 -21.51 1.28 -7.25
C ILE B 8 -21.26 1.86 -5.83
N ASN B 9 -22.32 1.93 -5.02
CA ASN B 9 -22.17 2.34 -3.61
C ASN B 9 -21.22 1.45 -2.83
N LYS B 10 -21.34 0.14 -3.03
CA LYS B 10 -20.50 -0.86 -2.39
C LYS B 10 -19.06 -0.74 -2.90
N LEU B 11 -18.88 -0.55 -4.20
CA LEU B 11 -17.51 -0.31 -4.74
C LEU B 11 -16.88 0.92 -4.13
N LYS B 12 -17.63 2.01 -4.00
CA LYS B 12 -17.12 3.23 -3.37
C LYS B 12 -16.65 2.94 -1.94
N SER B 13 -17.49 2.30 -1.13
CA SER B 13 -17.15 1.91 0.23
C SER B 13 -15.89 1.04 0.28
N SER B 14 -15.77 0.08 -0.63
CA SER B 14 -14.59 -0.79 -0.68
C SER B 14 -13.31 0.01 -0.93
N ILE B 15 -13.34 0.89 -1.93
CA ILE B 15 -12.12 1.68 -2.24
C ILE B 15 -11.81 2.63 -1.07
N GLU B 16 -12.82 3.18 -0.42
CA GLU B 16 -12.56 4.08 0.72
C GLU B 16 -11.80 3.30 1.80
N SER B 17 -12.23 2.06 2.05
CA SER B 17 -11.58 1.21 3.07
C SER B 17 -10.15 0.82 2.67
N THR B 18 -9.98 0.41 1.42
CA THR B 18 -8.63 0.14 0.88
C THR B 18 -7.72 1.35 0.99
N ASN B 19 -8.23 2.53 0.61
CA ASN B 19 -7.47 3.78 0.73
C ASN B 19 -7.03 4.01 2.18
N GLU B 20 -7.92 3.78 3.14
CA GLU B 20 -7.51 3.94 4.53
C GLU B 20 -6.45 2.91 4.93
N ALA B 21 -6.57 1.71 4.40
CA ALA B 21 -5.54 0.67 4.60
C ALA B 21 -4.20 1.22 4.08
N VAL B 22 -4.22 1.88 2.93
CA VAL B 22 -2.98 2.41 2.37
C VAL B 22 -2.45 3.55 3.25
N VAL B 23 -3.35 4.40 3.74
CA VAL B 23 -2.96 5.47 4.67
C VAL B 23 -2.26 4.90 5.92
N LYS B 24 -2.86 3.88 6.55
CA LYS B 24 -2.24 3.32 7.77
C LYS B 24 -0.85 2.68 7.50
N LEU B 25 -0.73 2.05 6.34
CA LEU B 25 0.55 1.51 5.87
C LEU B 25 1.58 2.60 5.55
N GLN B 26 1.10 3.73 5.04
CA GLN B 26 1.97 4.89 4.82
C GLN B 26 2.52 5.39 6.15
N GLU B 27 1.68 5.34 7.19
CA GLU B 27 2.11 5.74 8.55
C GLU B 27 3.14 4.77 9.11
N THR B 28 2.93 3.46 8.89
CA THR B 28 3.95 2.45 9.22
C THR B 28 5.29 2.76 8.52
N ALA B 29 5.21 3.08 7.23
CA ALA B 29 6.40 3.39 6.41
C ALA B 29 7.11 4.65 6.92
N GLU B 30 6.35 5.67 7.28
CA GLU B 30 6.94 6.93 7.78
C GLU B 30 7.71 6.70 9.06
N LYS B 31 7.16 5.87 9.95
CA LYS B 31 7.79 5.59 11.24
C LYS B 31 9.06 4.77 11.04
N THR B 32 9.01 3.85 10.08
CA THR B 32 10.14 2.99 9.76
C THR B 32 11.33 3.81 9.18
N VAL B 33 11.04 4.64 8.18
CA VAL B 33 12.05 5.52 7.62
C VAL B 33 12.60 6.48 8.68
N TYR B 34 11.72 6.97 9.55
CA TYR B 34 12.10 7.87 10.63
C TYR B 34 13.09 7.21 11.58
N VAL B 35 12.78 5.98 11.98
CA VAL B 35 13.63 5.24 12.89
C VAL B 35 15.00 5.08 12.22
N LEU B 36 15.00 4.62 10.97
CA LEU B 36 16.24 4.41 10.25
C LEU B 36 17.02 5.68 9.97
N THR B 37 16.34 6.79 9.66
CA THR B 37 17.03 8.05 9.36
C THR B 37 17.66 8.63 10.63
N ALA B 38 16.93 8.49 11.75
CA ALA B 38 17.42 8.90 13.06
C ALA B 38 18.69 8.16 13.47
N LEU B 39 18.67 6.83 13.32
CA LEU B 39 19.81 5.97 13.61
C LEU B 39 21.03 6.38 12.81
N GLN B 40 20.85 6.47 11.49
CA GLN B 40 21.90 6.84 10.54
C GLN B 40 22.45 8.25 10.83
N ASP B 41 21.55 9.20 11.12
CA ASP B 41 21.94 10.59 11.35
C ASP B 41 22.60 10.79 12.71
N TYR B 42 22.22 9.95 13.67
CA TYR B 42 22.77 10.03 15.03
C TYR B 42 24.21 9.53 15.09
N SER B 43 24.53 8.55 14.24
CA SER B 43 25.92 8.10 14.09
C SER B 43 26.69 9.18 13.32
N GLY B 44 27.68 8.75 12.53
CA GLY B 44 28.09 9.53 11.37
C GLY B 44 27.12 9.05 10.31
N GLY B 45 27.45 9.19 9.04
CA GLY B 45 26.71 8.43 8.04
C GLY B 45 27.32 7.03 8.06
N SER B 46 27.48 6.49 9.28
CA SER B 46 28.27 5.30 9.56
C SER B 46 27.97 4.13 8.61
N GLY B 47 26.71 4.02 8.20
CA GLY B 47 26.27 3.03 7.23
C GLY B 47 26.74 3.30 5.80
N GLY B 48 27.15 4.53 5.53
CA GLY B 48 27.53 4.92 4.17
C GLY B 48 26.55 5.94 3.63
N ILE B 49 27.05 6.82 2.76
CA ILE B 49 26.21 7.88 2.19
C ILE B 49 25.04 7.32 1.37
N ASP B 50 25.22 6.15 0.75
CA ASP B 50 24.16 5.54 -0.03
C ASP B 50 22.90 5.27 0.81
N ILE B 51 23.10 4.90 2.08
CA ILE B 51 21.96 4.69 3.00
C ILE B 51 21.19 5.99 3.19
N SER B 52 21.89 7.09 3.46
CA SER B 52 21.20 8.37 3.58
C SER B 52 20.43 8.75 2.31
N ILE B 53 21.06 8.55 1.15
CA ILE B 53 20.40 8.91 -0.14
C ILE B 53 19.12 8.10 -0.31
N GLU B 54 19.21 6.79 -0.09
CA GLU B 54 18.06 5.89 -0.30
C GLU B 54 16.95 6.23 0.69
N LEU B 55 17.32 6.59 1.92
CA LEU B 55 16.32 6.98 2.91
C LEU B 55 15.64 8.30 2.49
N ASN B 56 16.42 9.21 1.92
CA ASN B 56 15.83 10.45 1.40
C ASN B 56 14.87 10.17 0.25
N LYS B 57 15.26 9.28 -0.65
CA LYS B 57 14.40 8.89 -1.78
C LYS B 57 13.13 8.19 -1.29
N ALA B 58 13.24 7.38 -0.25
CA ALA B 58 12.08 6.69 0.34
C ALA B 58 11.06 7.70 0.89
N LYS B 59 11.56 8.76 1.51
CA LYS B 59 10.72 9.82 2.03
C LYS B 59 9.96 10.54 0.90
N SER B 60 10.63 10.79 -0.22
CA SER B 60 9.98 11.42 -1.37
C SER B 60 8.90 10.51 -1.95
N ASP B 61 9.22 9.23 -2.05
CA ASP B 61 8.31 8.22 -2.57
C ASP B 61 7.04 8.22 -1.73
N LEU B 62 7.23 8.28 -0.41
CA LEU B 62 6.10 8.27 0.52
C LEU B 62 5.22 9.53 0.36
N GLU B 63 5.86 10.68 0.15
CA GLU B 63 5.11 11.93 -0.06
C GLU B 63 4.26 11.81 -1.32
N GLU B 64 4.85 11.24 -2.36
CA GLU B 64 4.12 10.94 -3.59
C GLU B 64 2.94 9.98 -3.35
N SER B 65 3.17 8.93 -2.57
CA SER B 65 2.13 7.94 -2.28
C SER B 65 0.97 8.63 -1.56
N LYS B 66 1.32 9.49 -0.60
CA LYS B 66 0.31 10.23 0.17
C LYS B 66 -0.53 11.13 -0.75
N GLU B 67 0.12 11.78 -1.73
CA GLU B 67 -0.61 12.65 -2.65
C GLU B 67 -1.55 11.86 -3.56
N TRP B 68 -1.10 10.69 -4.02
CA TRP B 68 -1.98 9.82 -4.82
C TRP B 68 -3.23 9.39 -4.05
N ILE B 69 -3.10 9.12 -2.74
CA ILE B 69 -4.31 8.81 -1.94
C ILE B 69 -5.26 10.00 -1.86
N ARG B 70 -4.71 11.20 -1.62
CA ARG B 70 -5.51 12.42 -1.62
C ARG B 70 -6.30 12.53 -2.92
N ARG B 71 -5.64 12.27 -4.05
CA ARG B 71 -6.28 12.33 -5.35
C ARG B 71 -7.39 11.29 -5.48
N SER B 72 -7.12 10.06 -5.02
CA SER B 72 -8.15 9.03 -5.07
C SER B 72 -9.34 9.41 -4.21
N ASN B 73 -9.08 9.90 -3.00
CA ASN B 73 -10.18 10.27 -2.09
C ASN B 73 -11.00 11.43 -2.65
N GLN B 74 -10.33 12.38 -3.29
CA GLN B 74 -10.98 13.54 -3.91
C GLN B 74 -11.93 13.05 -5.02
N LYS B 75 -11.48 12.10 -5.82
CA LYS B 75 -12.32 11.51 -6.86
C LYS B 75 -13.54 10.79 -6.29
N LEU B 76 -13.34 10.00 -5.24
CA LEU B 76 -14.46 9.31 -4.61
C LEU B 76 -15.49 10.27 -4.05
N ASP B 77 -14.99 11.37 -3.47
CA ASP B 77 -15.84 12.40 -2.93
C ASP B 77 -16.79 13.02 -3.94
N SER B 78 -16.42 12.96 -5.23
CA SER B 78 -17.25 13.53 -6.31
C SER B 78 -18.30 12.54 -6.80
N ILE B 79 -18.31 11.34 -6.22
CA ILE B 79 -19.34 10.36 -6.56
C ILE B 79 -20.55 10.64 -5.68
N GLY B 80 -21.70 10.81 -6.31
CA GLY B 80 -22.98 10.86 -5.61
C GLY B 80 -23.59 9.46 -5.63
N ALA C 1 -28.57 -2.27 -16.41
CA ALA C 1 -28.30 -3.09 -17.63
C ALA C 1 -26.88 -3.69 -17.70
N MET C 2 -26.69 -4.53 -18.71
CA MET C 2 -25.55 -5.46 -18.75
C MET C 2 -24.15 -4.85 -18.96
N LYS C 3 -24.03 -3.80 -19.76
CA LYS C 3 -22.71 -3.17 -19.96
C LYS C 3 -22.16 -2.60 -18.66
N ASN C 4 -22.96 -1.79 -17.98
CA ASN C 4 -22.55 -1.25 -16.68
C ASN C 4 -22.29 -2.35 -15.64
N ALA C 5 -23.14 -3.39 -15.65
CA ALA C 5 -22.97 -4.57 -14.79
C ALA C 5 -21.61 -5.24 -15.00
N ASP C 6 -21.22 -5.40 -16.26
CA ASP C 6 -19.93 -5.98 -16.59
C ASP C 6 -18.77 -5.12 -16.10
N ASN C 7 -18.89 -3.80 -16.26
CA ASN C 7 -17.82 -2.89 -15.82
C ASN C 7 -17.73 -2.85 -14.31
N ILE C 8 -18.87 -3.00 -13.64
CA ILE C 8 -18.91 -3.14 -12.19
C ILE C 8 -18.14 -4.41 -11.74
N ASN C 9 -18.36 -5.53 -12.42
CA ASN C 9 -17.61 -6.75 -12.16
C ASN C 9 -16.10 -6.55 -12.36
N LYS C 10 -15.73 -5.83 -13.42
CA LYS C 10 -14.33 -5.53 -13.69
C LYS C 10 -13.74 -4.64 -12.59
N LEU C 11 -14.50 -3.64 -12.15
CA LEU C 11 -14.05 -2.76 -11.07
C LEU C 11 -13.85 -3.60 -9.83
N LYS C 12 -14.77 -4.52 -9.56
CA LYS C 12 -14.67 -5.39 -8.39
C LYS C 12 -13.38 -6.22 -8.45
N SER C 13 -13.11 -6.84 -9.58
CA SER C 13 -11.90 -7.67 -9.72
C SER C 13 -10.63 -6.80 -9.55
N SER C 14 -10.66 -5.61 -10.10
CA SER C 14 -9.50 -4.72 -9.99
C SER C 14 -9.23 -4.34 -8.52
N ILE C 15 -10.26 -3.99 -7.76
CA ILE C 15 -10.07 -3.65 -6.34
C ILE C 15 -9.58 -4.89 -5.56
N GLU C 16 -10.12 -6.07 -5.88
CA GLU C 16 -9.63 -7.31 -5.26
C GLU C 16 -8.12 -7.48 -5.49
N SER C 17 -7.68 -7.27 -6.73
CA SER C 17 -6.24 -7.36 -7.06
C SER C 17 -5.40 -6.27 -6.31
N THR C 18 -5.93 -5.06 -6.23
CA THR C 18 -5.27 -3.99 -5.48
C THR C 18 -5.13 -4.41 -4.00
N ASN C 19 -6.20 -4.97 -3.47
CA ASN C 19 -6.19 -5.42 -2.08
C ASN C 19 -5.13 -6.52 -1.88
N GLU C 20 -5.02 -7.46 -2.82
CA GLU C 20 -3.95 -8.47 -2.78
C GLU C 20 -2.57 -7.78 -2.69
N ALA C 21 -2.36 -6.74 -3.52
CA ALA C 21 -1.10 -6.00 -3.54
C ALA C 21 -0.83 -5.38 -2.17
N VAL C 22 -1.87 -4.79 -1.57
CA VAL C 22 -1.73 -4.15 -0.25
C VAL C 22 -1.41 -5.23 0.82
N VAL C 23 -2.08 -6.37 0.75
CA VAL C 23 -1.80 -7.45 1.74
C VAL C 23 -0.35 -7.87 1.60
N LYS C 24 0.14 -7.97 0.38
CA LYS C 24 1.55 -8.36 0.18
C LYS C 24 2.50 -7.32 0.78
N LEU C 25 2.16 -6.04 0.62
CA LEU C 25 2.91 -4.95 1.27
C LEU C 25 2.84 -5.03 2.78
N GLN C 26 1.65 -5.38 3.32
CA GLN C 26 1.52 -5.55 4.77
C GLN C 26 2.44 -6.65 5.29
N GLU C 27 2.56 -7.72 4.52
CA GLU C 27 3.48 -8.82 4.84
C GLU C 27 4.94 -8.38 4.79
N THR C 28 5.31 -7.56 3.80
CA THR C 28 6.68 -7.02 3.82
C THR C 28 6.91 -6.08 5.02
N ALA C 29 5.91 -5.25 5.35
CA ALA C 29 6.00 -4.35 6.51
C ALA C 29 6.19 -5.13 7.81
N GLU C 30 5.46 -6.23 7.97
CA GLU C 30 5.61 -7.14 9.13
C GLU C 30 7.05 -7.55 9.31
N LYS C 31 7.68 -7.98 8.21
CA LYS C 31 9.04 -8.52 8.27
C LYS C 31 10.08 -7.44 8.50
N THR C 32 9.86 -6.25 7.93
CA THR C 32 10.78 -5.13 8.15
C THR C 32 10.73 -4.60 9.58
N VAL C 33 9.53 -4.54 10.14
CA VAL C 33 9.36 -4.07 11.51
C VAL C 33 10.00 -5.04 12.50
N TYR C 34 9.79 -6.33 12.23
CA TYR C 34 10.42 -7.41 12.98
C TYR C 34 11.95 -7.31 12.93
N VAL C 35 12.50 -7.18 11.72
CA VAL C 35 13.96 -7.05 11.50
C VAL C 35 14.53 -5.77 12.13
N LEU C 36 13.76 -4.68 12.09
CA LEU C 36 14.21 -3.41 12.63
C LEU C 36 14.33 -3.49 14.15
N THR C 37 13.44 -4.27 14.76
CA THR C 37 13.46 -4.53 16.19
C THR C 37 14.67 -5.37 16.56
N ALA C 38 14.87 -6.48 15.85
CA ALA C 38 15.98 -7.41 16.09
C ALA C 38 17.35 -6.75 15.98
N LEU C 39 17.46 -5.75 15.10
CA LEU C 39 18.69 -4.98 14.93
C LEU C 39 18.86 -3.91 16.02
N ASP C 50 12.70 5.40 22.97
CA ASP C 50 11.87 6.13 22.01
C ASP C 50 11.77 5.45 20.65
N ILE C 51 12.78 4.65 20.29
CA ILE C 51 12.72 3.81 19.08
C ILE C 51 11.65 2.73 19.29
N SER C 52 11.58 2.23 20.51
CA SER C 52 10.59 1.23 20.93
C SER C 52 9.18 1.77 20.80
N ILE C 53 8.99 3.04 21.21
CA ILE C 53 7.72 3.76 21.07
C ILE C 53 7.30 3.88 19.59
N GLU C 54 8.25 4.31 18.76
CA GLU C 54 7.97 4.55 17.34
C GLU C 54 7.66 3.25 16.58
N LEU C 55 8.36 2.17 16.93
CA LEU C 55 8.11 0.85 16.36
C LEU C 55 6.81 0.25 16.84
N ASN C 56 6.42 0.58 18.08
CA ASN C 56 5.13 0.13 18.60
C ASN C 56 3.97 0.84 17.90
N LYS C 57 4.15 2.12 17.58
CA LYS C 57 3.16 2.86 16.79
C LYS C 57 3.07 2.32 15.37
N ALA C 58 4.21 1.95 14.79
CA ALA C 58 4.26 1.40 13.44
C ALA C 58 3.50 0.06 13.36
N LYS C 59 3.74 -0.78 14.37
CA LYS C 59 3.05 -2.07 14.52
C LYS C 59 1.54 -1.87 14.70
N SER C 60 1.18 -0.84 15.46
CA SER C 60 -0.23 -0.50 15.69
C SER C 60 -0.92 -0.08 14.39
N ASP C 61 -0.28 0.83 13.65
CA ASP C 61 -0.77 1.25 12.33
C ASP C 61 -0.91 0.07 11.37
N LEU C 62 0.06 -0.83 11.39
CA LEU C 62 0.07 -2.03 10.53
C LEU C 62 -1.11 -2.95 10.84
N GLU C 63 -1.34 -3.22 12.12
CA GLU C 63 -2.48 -4.06 12.49
C GLU C 63 -3.81 -3.43 12.03
N GLU C 64 -3.93 -2.10 12.18
CA GLU C 64 -5.12 -1.40 11.71
C GLU C 64 -5.27 -1.47 10.20
N SER C 65 -4.15 -1.33 9.50
CA SER C 65 -4.13 -1.47 8.03
C SER C 65 -4.74 -2.82 7.62
N LYS C 66 -4.36 -3.89 8.32
CA LYS C 66 -4.89 -5.20 8.02
C LYS C 66 -6.40 -5.21 8.16
N GLU C 67 -6.89 -4.55 9.20
CA GLU C 67 -8.32 -4.51 9.46
C GLU C 67 -9.09 -3.74 8.41
N TRP C 68 -8.52 -2.65 7.88
CA TRP C 68 -9.18 -1.93 6.79
C TRP C 68 -9.33 -2.78 5.51
N ILE C 69 -8.32 -3.59 5.18
CA ILE C 69 -8.43 -4.51 4.02
C ILE C 69 -9.53 -5.56 4.25
N ARG C 70 -9.61 -6.06 5.47
CA ARG C 70 -10.67 -7.01 5.79
C ARG C 70 -12.04 -6.37 5.56
N ARG C 71 -12.17 -5.11 5.97
CA ARG C 71 -13.41 -4.37 5.76
C ARG C 71 -13.70 -4.16 4.28
N SER C 72 -12.65 -3.80 3.52
CA SER C 72 -12.78 -3.67 2.07
C SER C 72 -13.27 -4.98 1.44
N ASN C 73 -12.60 -6.08 1.77
CA ASN C 73 -12.96 -7.41 1.25
C ASN C 73 -14.40 -7.78 1.59
N GLN C 74 -14.83 -7.45 2.81
CA GLN C 74 -16.20 -7.71 3.24
C GLN C 74 -17.20 -6.97 2.35
N LYS C 75 -16.91 -5.70 2.07
CA LYS C 75 -17.75 -4.90 1.18
C LYS C 75 -17.81 -5.47 -0.24
N LEU C 76 -16.65 -5.87 -0.78
CA LEU C 76 -16.59 -6.50 -2.10
C LEU C 76 -17.41 -7.79 -2.17
N ASP C 77 -17.36 -8.57 -1.09
CA ASP C 77 -18.09 -9.83 -0.98
C ASP C 77 -19.61 -9.62 -1.06
N SER C 78 -20.06 -8.45 -0.65
CA SER C 78 -21.48 -8.14 -0.64
C SER C 78 -22.00 -7.71 -2.02
N ILE C 79 -21.09 -7.62 -2.99
CA ILE C 79 -21.45 -7.29 -4.37
C ILE C 79 -21.92 -8.53 -5.11
N GLY C 80 -23.21 -8.55 -5.43
CA GLY C 80 -23.81 -9.59 -6.26
C GLY C 80 -25.05 -9.03 -6.93
#